data_7P6R
#
_entry.id   7P6R
#
_cell.length_a   33.040
_cell.length_b   46.530
_cell.length_c   57.440
_cell.angle_alpha   68.750
_cell.angle_beta   75.873
_cell.angle_gamma   72.398
#
_symmetry.space_group_name_H-M   'P 1'
#
loop_
_entity.id
_entity.type
_entity.pdbx_description
1 polymer 'Isoform Alpha of Pancreatic secretory granule membrane major glycoprotein GP2'
2 non-polymer 2-acetamido-2-deoxy-beta-D-glucopyranose
3 non-polymer 1,2-ETHANEDIOL
4 water water
#
_entity_poly.entity_id   1
_entity_poly.type   'polypeptide(L)'
_entity_poly.pdbx_seq_one_letter_code
;VQRGYGNPIEASSYGLDLDCGAPGTPEAHVCFDPCQNYTLLDEPFRSTENSAGSQGCDKNMSGWYRFVGEGGVRMSETCV
QVHRCQTDAPMWLNGTHPALGDGITNHTACAHWSGNCCFWKTEVLVKACPGGYHVYRLEGTPWCNLRYCTDPSHHHHHHH
H
;
_entity_poly.pdbx_strand_id   A,B
#
loop_
_chem_comp.id
_chem_comp.type
_chem_comp.name
_chem_comp.formula
EDO non-polymer 1,2-ETHANEDIOL 'C2 H6 O2'
NAG D-saccharide, beta linking 2-acetamido-2-deoxy-beta-D-glucopyranose 'C8 H15 N O6'
#
# COMPACT_ATOMS: atom_id res chain seq x y z
N SER A 13 0.59 -25.61 -9.72
CA SER A 13 -0.83 -25.77 -9.44
C SER A 13 -1.03 -26.45 -8.08
N TYR A 14 -2.02 -25.98 -7.34
CA TYR A 14 -2.37 -26.52 -6.03
C TYR A 14 -3.87 -26.73 -5.98
N GLY A 15 -4.29 -27.63 -5.10
CA GLY A 15 -5.71 -27.94 -4.97
C GLY A 15 -6.21 -27.61 -3.58
N LEU A 16 -7.31 -28.23 -3.15
CA LEU A 16 -7.86 -27.91 -1.84
C LEU A 16 -6.89 -28.35 -0.73
N ASP A 17 -6.35 -29.55 -0.83
CA ASP A 17 -5.47 -30.07 0.22
C ASP A 17 -4.02 -30.23 -0.19
N LEU A 18 -3.72 -30.42 -1.47
CA LEU A 18 -2.36 -30.66 -1.92
C LEU A 18 -1.84 -29.59 -2.86
N ASP A 19 -0.52 -29.38 -2.81
CA ASP A 19 0.20 -28.51 -3.72
C ASP A 19 1.02 -29.36 -4.67
N CYS A 20 0.96 -29.04 -5.97
CA CYS A 20 1.66 -29.79 -7.01
C CYS A 20 2.67 -28.84 -7.65
N GLY A 21 3.88 -28.82 -7.08
CA GLY A 21 4.94 -27.95 -7.55
C GLY A 21 6.30 -28.44 -7.12
N VAL A 30 6.25 -34.77 -6.66
CA VAL A 30 5.21 -34.00 -7.31
C VAL A 30 4.24 -33.47 -6.23
N CYS A 31 2.96 -33.78 -6.29
CA CYS A 31 2.02 -33.22 -5.32
C CYS A 31 2.33 -33.72 -3.93
N PHE A 32 2.18 -32.84 -2.94
CA PHE A 32 2.41 -33.21 -1.55
C PHE A 32 1.46 -32.42 -0.65
N ASP A 33 1.27 -32.93 0.56
CA ASP A 33 0.51 -32.21 1.56
C ASP A 33 1.42 -31.21 2.23
N PRO A 34 1.16 -29.90 2.12
CA PRO A 34 2.08 -28.91 2.72
C PRO A 34 2.31 -29.12 4.20
N CYS A 35 1.32 -29.67 4.92
CA CYS A 35 1.48 -29.93 6.34
C CYS A 35 2.55 -30.97 6.63
N GLN A 36 2.97 -31.73 5.63
CA GLN A 36 3.99 -32.76 5.83
C GLN A 36 5.28 -32.49 5.07
N ASN A 37 5.39 -31.35 4.39
CA ASN A 37 6.61 -31.02 3.65
C ASN A 37 6.74 -29.50 3.63
N TYR A 38 7.37 -28.96 4.67
CA TYR A 38 7.57 -27.53 4.80
C TYR A 38 8.97 -27.28 5.36
N THR A 39 9.40 -26.03 5.28
CA THR A 39 10.64 -25.58 5.88
C THR A 39 10.34 -24.99 7.24
N LEU A 40 11.07 -25.44 8.24
CA LEU A 40 10.85 -25.01 9.62
C LEU A 40 11.79 -23.87 9.93
N LEU A 41 11.22 -22.75 10.42
CA LEU A 41 11.98 -21.57 10.78
C LEU A 41 11.74 -21.25 12.25
N ASP A 42 12.82 -21.19 13.02
CA ASP A 42 12.82 -20.74 14.41
C ASP A 42 13.70 -19.50 14.46
N GLU A 43 13.09 -18.35 14.15
CA GLU A 43 13.82 -17.10 13.98
C GLU A 43 13.12 -16.02 14.79
N PRO A 44 13.46 -15.88 16.07
CA PRO A 44 12.83 -14.83 16.88
C PRO A 44 13.00 -13.43 16.32
N PHE A 45 14.01 -13.19 15.48
CA PHE A 45 14.18 -11.86 14.93
C PHE A 45 13.01 -11.46 14.05
N ARG A 46 12.19 -12.43 13.62
CA ARG A 46 11.01 -12.18 12.81
C ARG A 46 9.90 -11.50 13.56
N SER A 47 10.00 -11.40 14.89
CA SER A 47 8.89 -10.94 15.70
C SER A 47 8.47 -9.53 15.31
N THR A 48 7.15 -9.28 15.33
CA THR A 48 6.65 -7.94 15.14
C THR A 48 7.15 -7.00 16.22
N GLU A 49 7.60 -7.54 17.36
CA GLU A 49 8.08 -6.70 18.45
C GLU A 49 9.59 -6.46 18.39
N ASN A 50 10.30 -7.09 17.46
CA ASN A 50 11.73 -6.87 17.29
C ASN A 50 11.94 -5.71 16.32
N SER A 51 12.51 -4.61 16.80
CA SER A 51 12.82 -3.49 15.92
C SER A 51 14.31 -3.34 15.65
N ALA A 52 15.12 -4.31 16.03
CA ALA A 52 16.57 -4.20 15.96
C ALA A 52 17.13 -5.14 14.91
N GLY A 53 18.46 -5.15 14.79
CA GLY A 53 19.13 -6.00 13.83
C GLY A 53 19.39 -5.29 12.51
N SER A 54 20.27 -5.88 11.72
CA SER A 54 20.55 -5.39 10.38
C SER A 54 19.47 -5.91 9.44
N GLN A 55 18.76 -4.99 8.78
CA GLN A 55 17.62 -5.35 7.96
C GLN A 55 18.00 -6.43 6.95
N GLY A 56 17.19 -7.47 6.88
CA GLY A 56 17.36 -8.50 5.87
C GLY A 56 16.13 -8.62 5.02
N CYS A 57 16.09 -9.58 4.12
CA CYS A 57 15.02 -9.73 3.15
C CYS A 57 14.74 -11.21 2.91
N ASP A 58 13.46 -11.53 2.77
CA ASP A 58 13.00 -12.89 2.52
C ASP A 58 12.92 -13.20 1.03
N LYS A 59 13.77 -12.53 0.23
CA LYS A 59 13.71 -12.70 -1.22
C LYS A 59 13.95 -14.15 -1.66
N ASN A 60 14.67 -14.92 -0.88
CA ASN A 60 15.02 -16.29 -1.26
C ASN A 60 13.99 -17.33 -0.82
N MET A 61 12.91 -16.94 -0.14
CA MET A 61 11.93 -17.91 0.28
C MET A 61 11.25 -18.58 -0.90
N SER A 62 10.96 -19.87 -0.77
CA SER A 62 10.25 -20.60 -1.79
C SER A 62 9.63 -21.83 -1.13
N GLY A 63 8.43 -22.17 -1.53
CA GLY A 63 7.75 -23.29 -0.94
C GLY A 63 7.06 -22.93 0.37
N TRP A 64 6.76 -23.96 1.15
CA TRP A 64 5.96 -23.86 2.35
C TRP A 64 6.86 -23.76 3.59
N TYR A 65 6.38 -23.02 4.56
CA TYR A 65 7.13 -22.70 5.76
C TYR A 65 6.24 -22.85 6.99
N ARG A 66 6.84 -23.29 8.08
CA ARG A 66 6.25 -23.24 9.41
C ARG A 66 7.15 -22.43 10.33
N PHE A 67 6.53 -21.56 11.12
CA PHE A 67 7.22 -20.68 12.06
C PHE A 67 6.98 -21.17 13.47
N VAL A 68 8.06 -21.26 14.25
CA VAL A 68 8.00 -21.68 15.65
C VAL A 68 8.95 -20.82 16.46
N GLY A 69 8.81 -20.89 17.77
CA GLY A 69 9.72 -20.22 18.68
C GLY A 69 9.18 -18.93 19.22
N GLU A 70 10.04 -18.22 19.94
CA GLU A 70 9.59 -17.04 20.68
C GLU A 70 9.12 -15.92 19.77
N GLY A 71 9.52 -15.91 18.50
CA GLY A 71 9.05 -14.89 17.58
C GLY A 71 7.61 -15.06 17.17
N GLY A 72 6.99 -16.19 17.50
CA GLY A 72 5.60 -16.44 17.16
C GLY A 72 5.45 -17.55 16.14
N VAL A 73 4.22 -18.04 16.04
CA VAL A 73 3.87 -19.18 15.19
C VAL A 73 2.97 -18.80 14.04
N ARG A 74 2.59 -17.52 13.94
CA ARG A 74 1.69 -17.08 12.88
C ARG A 74 2.09 -15.71 12.35
N MET A 75 1.75 -15.46 11.11
CA MET A 75 1.87 -14.12 10.57
C MET A 75 0.91 -13.19 11.29
N SER A 76 1.25 -11.89 11.31
CA SER A 76 0.36 -10.90 11.86
C SER A 76 -0.83 -10.68 10.93
N GLU A 77 -2.03 -10.55 11.52
CA GLU A 77 -3.22 -10.17 10.77
C GLU A 77 -3.45 -8.66 10.78
N THR A 78 -2.55 -7.91 11.40
CA THR A 78 -2.65 -6.46 11.53
C THR A 78 -1.38 -5.81 10.99
N CYS A 79 -1.52 -4.55 10.53
CA CYS A 79 -0.38 -3.84 9.98
C CYS A 79 0.70 -3.68 11.04
N VAL A 80 1.95 -3.92 10.65
CA VAL A 80 3.11 -3.86 11.55
C VAL A 80 3.87 -2.57 11.31
N GLN A 81 4.39 -1.99 12.38
CA GLN A 81 5.18 -0.77 12.27
C GLN A 81 6.45 -1.02 11.47
N VAL A 82 6.88 0.01 10.74
CA VAL A 82 8.09 -0.10 9.94
C VAL A 82 9.30 -0.37 10.82
N HIS A 83 10.36 -0.91 10.22
CA HIS A 83 11.60 -1.27 10.92
C HIS A 83 11.32 -2.25 12.06
N ARG A 84 10.49 -3.24 11.79
CA ARG A 84 10.28 -4.37 12.68
C ARG A 84 10.66 -5.65 11.96
N CYS A 85 10.75 -6.74 12.72
CA CYS A 85 10.95 -8.07 12.15
C CYS A 85 12.29 -8.18 11.43
N GLN A 86 13.27 -7.40 11.86
CA GLN A 86 14.60 -7.39 11.25
C GLN A 86 14.52 -7.08 9.75
N THR A 87 13.72 -6.08 9.39
CA THR A 87 13.57 -5.68 8.00
C THR A 87 13.20 -4.20 7.97
N ASP A 88 13.06 -3.66 6.76
CA ASP A 88 12.59 -2.28 6.59
C ASP A 88 11.07 -2.25 6.50
N ALA A 89 10.50 -2.93 5.50
CA ALA A 89 9.05 -2.95 5.30
C ALA A 89 8.50 -4.28 5.77
N PRO A 90 7.94 -4.38 6.96
CA PRO A 90 7.43 -5.68 7.43
C PRO A 90 6.15 -6.07 6.69
N MET A 91 6.00 -7.36 6.46
CA MET A 91 4.86 -7.88 5.73
C MET A 91 3.91 -8.62 6.66
N TRP A 92 2.61 -8.38 6.48
CA TRP A 92 1.55 -8.93 7.30
C TRP A 92 0.45 -9.50 6.40
N LEU A 93 -0.43 -10.29 7.01
CA LEU A 93 -1.45 -11.03 6.28
C LEU A 93 -2.72 -10.18 6.21
N ASN A 94 -3.06 -9.71 5.01
CA ASN A 94 -4.27 -8.93 4.75
C ASN A 94 -5.47 -9.86 4.56
N GLY A 95 -5.72 -10.63 5.62
CA GLY A 95 -6.78 -11.62 5.60
C GLY A 95 -6.88 -12.30 6.95
N THR A 96 -7.74 -13.33 7.01
CA THR A 96 -7.97 -14.10 8.22
C THR A 96 -7.47 -15.52 8.04
N HIS A 97 -6.85 -16.05 9.06
CA HIS A 97 -6.27 -17.40 8.97
C HIS A 97 -7.36 -18.46 8.76
N PRO A 98 -7.11 -19.48 7.95
CA PRO A 98 -8.09 -20.55 7.78
C PRO A 98 -8.14 -21.51 8.95
N ALA A 99 -9.23 -22.26 9.02
CA ALA A 99 -9.40 -23.35 9.97
C ALA A 99 -9.07 -24.68 9.31
N LEU A 100 -8.76 -25.66 10.14
CA LEU A 100 -8.49 -27.01 9.63
C LEU A 100 -9.74 -27.54 8.95
N GLY A 101 -9.59 -27.91 7.69
CA GLY A 101 -10.70 -28.31 6.84
C GLY A 101 -11.03 -27.31 5.76
N ASP A 102 -10.55 -26.07 5.87
CA ASP A 102 -10.78 -25.06 4.84
C ASP A 102 -9.89 -25.26 3.62
N GLY A 103 -8.90 -26.14 3.70
CA GLY A 103 -7.98 -26.36 2.60
C GLY A 103 -6.98 -25.25 2.44
N ILE A 104 -6.24 -25.30 1.33
CA ILE A 104 -5.28 -24.26 1.00
C ILE A 104 -6.03 -23.01 0.58
N THR A 105 -5.69 -21.87 1.16
CA THR A 105 -6.40 -20.62 0.92
C THR A 105 -5.49 -19.57 0.30
N ASN A 106 -6.09 -18.74 -0.55
CA ASN A 106 -5.44 -17.68 -1.30
C ASN A 106 -5.54 -16.37 -0.52
N HIS A 107 -4.40 -15.74 -0.27
CA HIS A 107 -4.37 -14.51 0.53
C HIS A 107 -3.42 -13.49 -0.07
N THR A 108 -3.62 -12.24 0.33
CA THR A 108 -2.71 -11.15 0.01
C THR A 108 -1.85 -10.83 1.23
N ALA A 109 -0.54 -10.73 1.02
CA ALA A 109 0.38 -10.19 2.01
C ALA A 109 0.72 -8.75 1.64
N CYS A 110 0.79 -7.88 2.64
CA CYS A 110 1.02 -6.45 2.47
C CYS A 110 2.27 -6.02 3.23
N ALA A 111 3.05 -5.14 2.62
CA ALA A 111 4.23 -4.57 3.24
C ALA A 111 3.94 -3.13 3.64
N HIS A 112 4.22 -2.79 4.90
CA HIS A 112 4.07 -1.43 5.40
C HIS A 112 5.34 -0.64 5.11
N TRP A 113 5.20 0.50 4.44
CA TRP A 113 6.31 1.40 4.16
C TRP A 113 5.76 2.80 3.90
N SER A 114 6.52 3.80 4.31
CA SER A 114 6.26 5.20 3.95
C SER A 114 4.77 5.56 4.09
N GLY A 115 4.24 5.32 5.28
CA GLY A 115 2.87 5.70 5.59
C GLY A 115 1.79 4.88 4.94
N ASN A 116 2.14 3.73 4.36
CA ASN A 116 1.24 2.99 3.51
C ASN A 116 1.32 1.53 3.94
N CYS A 117 0.24 1.01 4.53
CA CYS A 117 0.28 -0.35 5.09
C CYS A 117 0.25 -1.45 4.04
N CYS A 118 0.08 -1.11 2.77
CA CYS A 118 0.23 -2.06 1.68
C CYS A 118 1.04 -1.44 0.54
N PHE A 119 2.19 -0.84 0.89
CA PHE A 119 3.06 -0.22 -0.11
C PHE A 119 3.47 -1.23 -1.18
N TRP A 120 3.83 -2.45 -0.77
CA TRP A 120 3.99 -3.59 -1.67
C TRP A 120 3.03 -4.69 -1.22
N LYS A 121 2.59 -5.51 -2.18
CA LYS A 121 1.79 -6.67 -1.85
C LYS A 121 2.22 -7.87 -2.69
N THR A 122 1.93 -9.06 -2.18
CA THR A 122 2.19 -10.28 -2.92
C THR A 122 1.25 -11.37 -2.41
N GLU A 123 1.07 -12.38 -3.24
CA GLU A 123 0.21 -13.50 -2.90
C GLU A 123 0.94 -14.47 -1.98
N VAL A 124 0.21 -14.95 -0.97
CA VAL A 124 0.67 -16.05 -0.12
C VAL A 124 -0.47 -17.05 0.02
N LEU A 125 -0.11 -18.32 0.15
CA LEU A 125 -1.07 -19.37 0.45
C LEU A 125 -0.93 -19.74 1.92
N VAL A 126 -2.05 -20.13 2.54
CA VAL A 126 -2.08 -20.51 3.94
C VAL A 126 -2.92 -21.77 4.10
N LYS A 127 -2.44 -22.68 4.93
CA LYS A 127 -3.18 -23.91 5.24
C LYS A 127 -3.10 -24.20 6.72
N ALA A 128 -4.23 -24.55 7.31
CA ALA A 128 -4.28 -25.06 8.66
C ALA A 128 -3.95 -26.55 8.66
N CYS A 129 -3.27 -26.99 9.70
CA CYS A 129 -2.75 -28.35 9.70
C CYS A 129 -3.16 -29.13 10.93
N PRO A 130 -3.28 -30.46 10.82
CA PRO A 130 -3.47 -31.26 12.04
C PRO A 130 -2.32 -31.07 13.01
N GLY A 131 -2.68 -30.90 14.28
CA GLY A 131 -1.70 -30.58 15.30
C GLY A 131 -1.67 -29.13 15.73
N GLY A 132 -2.50 -28.28 15.16
CA GLY A 132 -2.65 -26.93 15.65
C GLY A 132 -1.64 -25.94 15.15
N TYR A 133 -1.18 -26.08 13.91
CA TYR A 133 -0.28 -25.10 13.30
C TYR A 133 -0.76 -24.79 11.90
N HIS A 134 -0.25 -23.66 11.36
CA HIS A 134 -0.46 -23.27 9.97
C HIS A 134 0.87 -23.38 9.23
N VAL A 135 0.78 -23.62 7.93
CA VAL A 135 1.91 -23.49 7.02
C VAL A 135 1.60 -22.37 6.00
N TYR A 136 2.67 -21.74 5.52
CA TYR A 136 2.59 -20.60 4.62
C TYR A 136 3.43 -20.88 3.39
N ARG A 137 2.86 -20.68 2.19
CA ARG A 137 3.64 -20.73 0.96
C ARG A 137 4.08 -19.31 0.61
N LEU A 138 5.39 -19.07 0.67
CA LEU A 138 5.99 -17.76 0.50
C LEU A 138 6.97 -17.85 -0.67
N GLU A 139 6.74 -17.03 -1.67
CA GLU A 139 7.51 -17.06 -2.91
C GLU A 139 8.23 -15.73 -3.00
N GLY A 140 9.42 -15.68 -2.40
CA GLY A 140 10.21 -14.49 -2.44
C GLY A 140 9.49 -13.31 -1.80
N THR A 141 9.94 -12.13 -2.18
CA THR A 141 9.33 -10.87 -1.78
C THR A 141 9.22 -9.97 -3.02
N PRO A 142 8.30 -9.00 -2.99
CA PRO A 142 8.21 -8.08 -4.14
C PRO A 142 9.28 -7.01 -4.16
N TRP A 143 10.00 -6.81 -3.06
CA TRP A 143 11.00 -5.76 -2.93
C TRP A 143 11.89 -6.17 -1.76
N CYS A 144 12.98 -5.45 -1.56
CA CYS A 144 13.82 -5.57 -0.38
C CYS A 144 14.10 -4.19 0.18
N ASN A 145 14.28 -4.08 1.49
CA ASN A 145 14.27 -5.20 2.41
C ASN A 145 12.89 -5.43 3.00
N LEU A 146 12.33 -6.60 2.74
CA LEU A 146 11.00 -7.00 3.22
C LEU A 146 11.10 -8.37 3.86
N ARG A 147 10.30 -8.61 4.90
CA ARG A 147 10.23 -9.90 5.56
C ARG A 147 8.80 -10.19 6.00
N TYR A 148 8.50 -11.49 6.08
CA TYR A 148 7.22 -11.96 6.60
C TYR A 148 7.34 -12.07 8.11
N CYS A 149 6.60 -11.22 8.83
CA CYS A 149 6.71 -11.15 10.28
C CYS A 149 5.95 -12.29 10.95
N THR A 150 6.27 -12.51 12.21
CA THR A 150 5.53 -13.42 13.07
C THR A 150 5.07 -12.63 14.29
N ASP A 151 3.87 -12.95 14.76
CA ASP A 151 3.26 -12.24 15.87
C ASP A 151 3.48 -13.05 17.14
N PRO A 152 4.28 -12.58 18.10
CA PRO A 152 4.53 -13.37 19.32
C PRO A 152 3.37 -13.37 20.29
N SER A 153 2.35 -12.54 20.08
CA SER A 153 1.20 -12.51 20.96
C SER A 153 0.47 -13.85 20.99
N TYR B 14 6.69 23.80 5.96
CA TYR B 14 5.63 24.48 5.23
C TYR B 14 5.36 25.88 5.76
N GLY B 15 5.01 26.79 4.85
CA GLY B 15 4.66 28.15 5.24
C GLY B 15 3.35 28.61 4.61
N LEU B 16 3.11 29.93 4.61
CA LEU B 16 1.93 30.46 3.94
C LEU B 16 2.11 30.42 2.43
N ASP B 17 3.26 30.89 1.93
CA ASP B 17 3.55 30.94 0.50
C ASP B 17 4.67 30.00 0.09
N LEU B 18 5.58 29.68 0.99
CA LEU B 18 6.74 28.83 0.70
C LEU B 18 6.66 27.55 1.52
N ASP B 19 7.25 26.49 1.00
CA ASP B 19 7.34 25.23 1.72
C ASP B 19 8.74 25.07 2.26
N CYS B 20 8.84 24.80 3.56
CA CYS B 20 10.14 24.72 4.23
C CYS B 20 10.38 23.34 4.83
N HIS B 29 15.94 20.70 2.82
CA HIS B 29 14.67 21.33 2.48
C HIS B 29 14.62 22.76 3.02
N VAL B 30 15.27 23.68 2.33
CA VAL B 30 15.11 25.11 2.61
C VAL B 30 13.83 25.55 1.91
N CYS B 31 13.30 26.72 2.27
CA CYS B 31 12.02 27.14 1.73
C CYS B 31 12.10 27.40 0.23
N PHE B 32 11.03 27.04 -0.48
CA PHE B 32 10.92 27.33 -1.91
C PHE B 32 9.45 27.59 -2.21
N ASP B 33 9.20 28.26 -3.32
CA ASP B 33 7.83 28.51 -3.76
C ASP B 33 7.32 27.32 -4.56
N PRO B 34 6.28 26.60 -4.10
CA PRO B 34 5.82 25.42 -4.84
C PRO B 34 5.45 25.70 -6.28
N CYS B 35 4.97 26.92 -6.58
CA CYS B 35 4.61 27.24 -7.96
C CYS B 35 5.82 27.24 -8.88
N GLN B 36 7.03 27.24 -8.33
CA GLN B 36 8.25 27.30 -9.13
C GLN B 36 9.08 26.03 -9.03
N ASN B 37 8.62 25.03 -8.30
CA ASN B 37 9.35 23.77 -8.17
C ASN B 37 8.32 22.67 -7.93
N TYR B 38 7.82 22.09 -9.01
CA TYR B 38 6.83 21.02 -8.94
C TYR B 38 7.15 19.98 -10.00
N THR B 39 6.51 18.81 -9.88
CA THR B 39 6.60 17.78 -10.91
C THR B 39 5.40 17.89 -11.82
N LEU B 40 5.66 17.91 -13.12
CA LEU B 40 4.61 18.05 -14.12
C LEU B 40 4.16 16.68 -14.55
N LEU B 41 2.85 16.44 -14.48
CA LEU B 41 2.27 15.18 -14.90
C LEU B 41 1.24 15.45 -15.99
N ASP B 42 1.43 14.81 -17.14
CA ASP B 42 0.48 14.78 -18.26
C ASP B 42 0.06 13.32 -18.39
N GLU B 43 -0.93 12.91 -17.61
CA GLU B 43 -1.32 11.50 -17.50
C GLU B 43 -2.83 11.41 -17.67
N PRO B 44 -3.30 11.31 -18.90
CA PRO B 44 -4.76 11.21 -19.13
C PRO B 44 -5.42 10.06 -18.40
N PHE B 45 -4.67 9.01 -18.06
CA PHE B 45 -5.28 7.89 -17.35
C PHE B 45 -5.80 8.30 -15.98
N ARG B 46 -5.36 9.45 -15.47
CA ARG B 46 -5.79 9.93 -14.17
C ARG B 46 -7.25 10.40 -14.15
N SER B 47 -7.87 10.54 -15.33
CA SER B 47 -9.19 11.16 -15.42
C SER B 47 -10.22 10.41 -14.60
N THR B 48 -11.10 11.17 -13.95
CA THR B 48 -12.23 10.57 -13.24
C THR B 48 -13.15 9.80 -14.17
N GLU B 49 -13.11 10.09 -15.47
CA GLU B 49 -13.95 9.45 -16.47
C GLU B 49 -13.28 8.24 -17.11
N ASN B 50 -12.04 7.93 -16.75
CA ASN B 50 -11.37 6.77 -17.29
C ASN B 50 -11.74 5.56 -16.44
N SER B 51 -12.52 4.64 -17.02
CA SER B 51 -12.92 3.41 -16.35
C SER B 51 -12.26 2.18 -16.95
N ALA B 52 -11.33 2.36 -17.90
CA ALA B 52 -10.75 1.25 -18.63
C ALA B 52 -9.24 1.12 -18.42
N GLY B 53 -8.73 1.50 -17.24
CA GLY B 53 -7.32 1.38 -16.97
C GLY B 53 -6.94 0.17 -16.12
N SER B 54 -5.65 -0.20 -16.19
CA SER B 54 -5.08 -1.22 -15.32
C SER B 54 -4.67 -0.56 -14.01
N GLN B 55 -5.22 -1.03 -12.89
CA GLN B 55 -5.05 -0.35 -11.61
C GLN B 55 -3.58 -0.11 -11.30
N GLY B 56 -3.25 1.14 -10.97
CA GLY B 56 -1.94 1.51 -10.48
C GLY B 56 -2.07 2.20 -9.13
N CYS B 57 -0.96 2.69 -8.59
CA CYS B 57 -0.97 3.31 -7.26
C CYS B 57 0.02 4.47 -7.25
N ASP B 58 -0.38 5.56 -6.58
CA ASP B 58 0.42 6.76 -6.44
C ASP B 58 1.32 6.73 -5.20
N LYS B 59 1.73 5.53 -4.75
CA LYS B 59 2.45 5.41 -3.48
C LYS B 59 3.79 6.12 -3.53
N ASN B 60 4.40 6.29 -4.72
CA ASN B 60 5.75 6.87 -4.76
C ASN B 60 5.72 8.39 -4.89
N MET B 61 4.55 9.03 -4.90
CA MET B 61 4.50 10.49 -5.05
C MET B 61 5.14 11.15 -3.83
N SER B 62 5.83 12.27 -4.11
CA SER B 62 6.44 13.06 -3.05
C SER B 62 6.64 14.46 -3.60
N GLY B 63 6.42 15.47 -2.76
CA GLY B 63 6.56 16.85 -3.21
C GLY B 63 5.33 17.40 -3.92
N TRP B 64 5.54 18.48 -4.65
CA TRP B 64 4.47 19.20 -5.30
C TRP B 64 4.31 18.72 -6.74
N TYR B 65 3.07 18.72 -7.19
CA TYR B 65 2.71 18.25 -8.52
C TYR B 65 1.79 19.24 -9.20
N ARG B 66 1.93 19.34 -10.52
CA ARG B 66 0.97 20.02 -11.38
C ARG B 66 0.47 19.03 -12.40
N PHE B 67 -0.84 19.05 -12.64
CA PHE B 67 -1.52 18.18 -13.58
C PHE B 67 -1.95 18.96 -14.81
N VAL B 68 -1.67 18.42 -15.99
CA VAL B 68 -2.06 19.04 -17.25
C VAL B 68 -2.54 17.97 -18.22
N GLY B 69 -3.16 18.40 -19.29
CA GLY B 69 -3.56 17.50 -20.36
C GLY B 69 -5.03 17.16 -20.32
N GLU B 70 -5.41 16.24 -21.21
CA GLU B 70 -6.82 15.93 -21.39
C GLU B 70 -7.45 15.29 -20.16
N GLY B 71 -6.65 14.74 -19.25
CA GLY B 71 -7.19 14.17 -18.02
C GLY B 71 -7.66 15.23 -17.04
N GLY B 72 -7.36 16.49 -17.28
CA GLY B 72 -7.77 17.57 -16.40
C GLY B 72 -6.57 18.20 -15.68
N VAL B 73 -6.84 19.37 -15.12
CA VAL B 73 -5.83 20.21 -14.47
C VAL B 73 -6.03 20.30 -12.97
N ARG B 74 -7.07 19.67 -12.43
CA ARG B 74 -7.36 19.80 -11.02
C ARG B 74 -7.87 18.47 -10.48
N MET B 75 -7.72 18.28 -9.17
CA MET B 75 -8.34 17.16 -8.50
CA MET B 75 -8.35 17.15 -8.52
C MET B 75 -9.86 17.35 -8.44
N SER B 76 -10.58 16.25 -8.28
CA SER B 76 -12.02 16.32 -8.14
C SER B 76 -12.40 16.79 -6.75
N GLU B 77 -13.43 17.67 -6.67
CA GLU B 77 -13.99 18.07 -5.40
C GLU B 77 -15.19 17.21 -4.99
N THR B 78 -15.55 16.22 -5.81
CA THR B 78 -16.68 15.34 -5.55
C THR B 78 -16.21 13.89 -5.58
N CYS B 79 -16.91 13.03 -4.86
CA CYS B 79 -16.55 11.63 -4.78
C CYS B 79 -16.59 10.98 -6.16
N VAL B 80 -15.57 10.22 -6.48
CA VAL B 80 -15.43 9.59 -7.79
C VAL B 80 -15.79 8.12 -7.66
N GLN B 81 -16.44 7.57 -8.69
CA GLN B 81 -16.82 6.17 -8.68
C GLN B 81 -15.58 5.28 -8.63
N VAL B 82 -15.73 4.13 -7.98
CA VAL B 82 -14.61 3.19 -7.86
C VAL B 82 -14.17 2.70 -9.24
N HIS B 83 -12.93 2.23 -9.31
CA HIS B 83 -12.35 1.71 -10.55
C HIS B 83 -12.34 2.78 -11.66
N ARG B 84 -11.97 4.00 -11.28
CA ARG B 84 -11.69 5.07 -12.22
C ARG B 84 -10.24 5.51 -12.03
N CYS B 85 -9.75 6.34 -12.96
CA CYS B 85 -8.45 6.98 -12.82
C CYS B 85 -7.31 5.98 -12.80
N GLN B 86 -7.49 4.84 -13.48
CA GLN B 86 -6.47 3.79 -13.53
C GLN B 86 -6.04 3.34 -12.13
N THR B 87 -7.01 3.13 -11.25
CA THR B 87 -6.76 2.66 -9.89
C THR B 87 -8.01 1.92 -9.39
N ASP B 88 -7.92 1.38 -8.18
CA ASP B 88 -9.06 0.76 -7.54
C ASP B 88 -9.87 1.77 -6.74
N ALA B 89 -9.24 2.40 -5.76
CA ALA B 89 -9.91 3.35 -4.88
C ALA B 89 -9.50 4.75 -5.30
N PRO B 90 -10.30 5.47 -6.09
CA PRO B 90 -9.90 6.82 -6.53
C PRO B 90 -9.96 7.83 -5.40
N MET B 91 -9.04 8.79 -5.45
CA MET B 91 -8.92 9.80 -4.41
C MET B 91 -9.37 11.15 -4.94
N TRP B 92 -10.15 11.87 -4.14
CA TRP B 92 -10.72 13.15 -4.50
C TRP B 92 -10.50 14.12 -3.35
N LEU B 93 -10.70 15.41 -3.64
CA LEU B 93 -10.39 16.47 -2.68
C LEU B 93 -11.62 16.79 -1.86
N ASN B 94 -11.57 16.47 -0.56
CA ASN B 94 -12.65 16.75 0.38
C ASN B 94 -12.54 18.19 0.89
N GLY B 95 -12.59 19.12 -0.05
CA GLY B 95 -12.47 20.52 0.26
C GLY B 95 -12.64 21.35 -0.99
N THR B 96 -12.44 22.66 -0.84
CA THR B 96 -12.58 23.61 -1.93
C THR B 96 -11.23 24.20 -2.29
N HIS B 97 -10.96 24.32 -3.57
CA HIS B 97 -9.67 24.80 -4.02
C HIS B 97 -9.44 26.25 -3.57
N PRO B 98 -8.22 26.61 -3.19
CA PRO B 98 -7.93 28.01 -2.83
C PRO B 98 -7.81 28.90 -4.05
N ALA B 99 -7.95 30.20 -3.81
CA ALA B 99 -7.70 31.23 -4.80
C ALA B 99 -6.28 31.79 -4.66
N LEU B 100 -5.79 32.38 -5.75
CA LEU B 100 -4.47 32.98 -5.72
C LEU B 100 -4.42 34.08 -4.67
N GLY B 101 -3.49 33.96 -3.74
CA GLY B 101 -3.41 34.80 -2.57
C GLY B 101 -3.77 34.11 -1.27
N ASP B 102 -4.41 32.94 -1.32
CA ASP B 102 -4.77 32.22 -0.11
C ASP B 102 -3.58 31.49 0.51
N GLY B 103 -2.46 31.39 -0.18
CA GLY B 103 -1.29 30.69 0.34
C GLY B 103 -1.49 29.17 0.28
N ILE B 104 -0.53 28.48 0.89
CA ILE B 104 -0.61 27.02 0.98
C ILE B 104 -1.72 26.64 1.96
N THR B 105 -2.63 25.77 1.52
CA THR B 105 -3.80 25.40 2.30
C THR B 105 -3.78 23.92 2.61
N ASN B 106 -4.28 23.57 3.79
CA ASN B 106 -4.31 22.19 4.30
C ASN B 106 -5.65 21.56 3.95
N HIS B 107 -5.61 20.39 3.33
CA HIS B 107 -6.83 19.72 2.89
C HIS B 107 -6.74 18.23 3.18
N THR B 108 -7.91 17.60 3.19
CA THR B 108 -8.03 16.15 3.30
C THR B 108 -8.37 15.58 1.92
N ALA B 109 -7.67 14.52 1.53
CA ALA B 109 -8.01 13.72 0.37
C ALA B 109 -8.67 12.43 0.82
N CYS B 110 -9.72 12.02 0.12
CA CYS B 110 -10.52 10.86 0.45
C CYS B 110 -10.51 9.87 -0.71
N ALA B 111 -10.40 8.58 -0.37
CA ALA B 111 -10.47 7.50 -1.35
C ALA B 111 -11.80 6.79 -1.23
N HIS B 112 -12.48 6.59 -2.36
CA HIS B 112 -13.74 5.88 -2.42
C HIS B 112 -13.47 4.38 -2.56
N TRP B 113 -14.03 3.60 -1.64
CA TRP B 113 -13.92 2.15 -1.71
C TRP B 113 -15.05 1.52 -0.92
N SER B 114 -15.51 0.37 -1.40
CA SER B 114 -16.45 -0.48 -0.65
C SER B 114 -17.60 0.33 -0.04
N GLY B 115 -18.26 1.11 -0.90
CA GLY B 115 -19.44 1.86 -0.49
C GLY B 115 -19.17 3.06 0.39
N ASN B 116 -17.92 3.48 0.51
CA ASN B 116 -17.50 4.46 1.49
C ASN B 116 -16.64 5.48 0.77
N CYS B 117 -17.13 6.72 0.64
CA CYS B 117 -16.41 7.70 -0.15
C CYS B 117 -15.18 8.27 0.53
N CYS B 118 -14.94 7.94 1.80
CA CYS B 118 -13.68 8.27 2.47
C CYS B 118 -13.15 7.05 3.22
N PHE B 119 -13.09 5.92 2.51
CA PHE B 119 -12.59 4.66 3.12
C PHE B 119 -11.17 4.82 3.64
N TRP B 120 -10.30 5.50 2.87
CA TRP B 120 -9.02 5.98 3.35
C TRP B 120 -8.99 7.49 3.18
N LYS B 121 -8.20 8.16 4.01
CA LYS B 121 -7.95 9.59 3.84
C LYS B 121 -6.48 9.89 4.10
N THR B 122 -6.03 11.02 3.55
CA THR B 122 -4.68 11.49 3.79
C THR B 122 -4.66 13.00 3.58
N GLU B 123 -3.65 13.63 4.16
CA GLU B 123 -3.48 15.07 4.03
C GLU B 123 -2.83 15.39 2.69
N VAL B 124 -3.35 16.43 2.04
CA VAL B 124 -2.72 17.01 0.87
C VAL B 124 -2.73 18.52 1.05
N LEU B 125 -1.70 19.17 0.52
CA LEU B 125 -1.64 20.62 0.49
C LEU B 125 -1.95 21.09 -0.94
N VAL B 126 -2.55 22.27 -1.04
CA VAL B 126 -2.93 22.84 -2.34
C VAL B 126 -2.59 24.31 -2.32
N LYS B 127 -2.05 24.80 -3.44
CA LYS B 127 -1.75 26.21 -3.61
C LYS B 127 -2.17 26.66 -5.01
N ALA B 128 -2.81 27.83 -5.08
CA ALA B 128 -3.06 28.49 -6.35
C ALA B 128 -1.84 29.29 -6.80
N CYS B 129 -1.59 29.30 -8.10
CA CYS B 129 -0.36 29.87 -8.62
C CYS B 129 -0.63 30.94 -9.66
N PRO B 130 0.29 31.89 -9.81
CA PRO B 130 0.19 32.83 -10.94
C PRO B 130 0.17 32.08 -12.27
N GLY B 131 -0.71 32.50 -13.16
CA GLY B 131 -0.92 31.80 -14.42
C GLY B 131 -2.13 30.89 -14.45
N GLY B 132 -2.87 30.81 -13.35
CA GLY B 132 -4.15 30.13 -13.38
C GLY B 132 -4.10 28.62 -13.21
N TYR B 133 -3.17 28.12 -12.42
CA TYR B 133 -3.12 26.68 -12.11
C TYR B 133 -2.96 26.52 -10.60
N HIS B 134 -3.21 25.28 -10.14
CA HIS B 134 -2.96 24.86 -8.76
C HIS B 134 -1.81 23.83 -8.74
N VAL B 135 -1.12 23.77 -7.62
CA VAL B 135 -0.15 22.71 -7.36
C VAL B 135 -0.59 21.96 -6.09
N TYR B 136 -0.25 20.69 -6.04
CA TYR B 136 -0.64 19.81 -4.95
C TYR B 136 0.59 19.15 -4.35
N ARG B 137 0.71 19.19 -3.03
CA ARG B 137 1.76 18.45 -2.33
C ARG B 137 1.17 17.09 -1.97
N LEU B 138 1.68 16.03 -2.60
CA LEU B 138 1.16 14.68 -2.47
C LEU B 138 2.27 13.76 -1.95
N GLU B 139 2.00 13.12 -0.82
CA GLU B 139 2.99 12.31 -0.12
C GLU B 139 2.46 10.88 -0.12
N GLY B 140 2.76 10.14 -1.18
CA GLY B 140 2.36 8.76 -1.25
C GLY B 140 0.85 8.62 -1.19
N THR B 141 0.43 7.43 -0.81
CA THR B 141 -0.98 7.12 -0.58
C THR B 141 -1.07 6.32 0.72
N PRO B 142 -2.24 6.32 1.36
CA PRO B 142 -2.41 5.52 2.59
C PRO B 142 -2.58 4.02 2.35
N TRP B 143 -2.85 3.60 1.12
CA TRP B 143 -3.11 2.21 0.76
C TRP B 143 -2.88 2.11 -0.74
N CYS B 144 -2.87 0.89 -1.26
CA CYS B 144 -2.88 0.66 -2.70
C CYS B 144 -3.97 -0.35 -3.03
N ASN B 145 -4.55 -0.26 -4.22
CA ASN B 145 -4.20 0.69 -5.27
C ASN B 145 -5.05 1.95 -5.19
N LEU B 146 -4.40 3.09 -4.98
CA LEU B 146 -5.05 4.39 -4.86
C LEU B 146 -4.34 5.38 -5.76
N ARG B 147 -5.11 6.32 -6.31
CA ARG B 147 -4.55 7.39 -7.12
C ARG B 147 -5.31 8.68 -6.90
N TYR B 148 -4.60 9.80 -7.11
CA TYR B 148 -5.19 11.14 -7.11
C TYR B 148 -5.73 11.42 -8.49
N CYS B 149 -7.05 11.53 -8.60
CA CYS B 149 -7.70 11.70 -9.88
C CYS B 149 -7.60 13.15 -10.33
N THR B 150 -7.83 13.36 -11.60
CA THR B 150 -8.04 14.68 -12.16
C THR B 150 -9.40 14.73 -12.84
N ASP B 151 -10.07 15.88 -12.75
CA ASP B 151 -11.42 16.03 -13.30
C ASP B 151 -11.31 16.70 -14.65
N PRO B 152 -11.66 16.01 -15.75
CA PRO B 152 -11.53 16.64 -17.07
C PRO B 152 -12.59 17.67 -17.40
N SER B 153 -13.66 17.78 -16.60
CA SER B 153 -14.72 18.76 -16.87
C SER B 153 -14.15 20.18 -16.80
C1 NAG C . 8.94 -31.52 -0.66
C2 NAG C . 9.07 -32.74 -1.58
C3 NAG C . 10.34 -32.63 -2.43
C4 NAG C . 10.37 -31.29 -3.17
C5 NAG C . 10.15 -30.14 -2.19
C6 NAG C . 10.03 -28.80 -2.88
C7 NAG C . 7.99 -34.73 -0.66
C8 NAG C . 8.17 -35.98 0.15
N2 NAG C . 9.08 -33.98 -0.83
O3 NAG C . 10.40 -33.70 -3.35
O4 NAG C . 11.62 -31.13 -3.84
O5 NAG C . 8.94 -30.33 -1.45
O6 NAG C . 8.68 -28.54 -3.24
O7 NAG C . 6.89 -34.41 -1.13
C1 NAG D . -7.05 -5.79 4.04
C2 NAG D . -8.46 -6.32 4.28
C3 NAG D . -9.51 -5.23 3.98
C4 NAG D . -9.18 -3.96 4.75
C5 NAG D . -7.73 -3.54 4.50
C6 NAG D . -7.31 -2.34 5.31
C7 NAG D . -8.90 -8.71 3.99
C8 NAG D . -9.17 -9.82 3.00
N2 NAG D . -8.71 -7.50 3.47
O3 NAG D . -10.79 -5.70 4.37
O4 NAG D . -10.06 -2.91 4.33
O5 NAG D . -6.84 -4.61 4.83
O6 NAG D . -6.82 -2.71 6.59
O7 NAG D . -8.82 -8.93 5.19
C1 NAG E . -5.15 -16.10 -5.97
C2 NAG E . -4.66 -16.80 -7.24
C3 NAG E . -4.23 -15.76 -8.27
C4 NAG E . -5.37 -14.78 -8.54
C5 NAG E . -5.87 -14.16 -7.23
C6 NAG E . -7.12 -13.32 -7.42
C7 NAG E . -3.50 -18.98 -7.30
C8 NAG E . -4.69 -19.51 -8.04
N2 NAG E . -3.56 -17.69 -6.94
O3 NAG E . -3.85 -16.39 -9.48
O4 NAG E . -4.92 -13.72 -9.39
O5 NAG E . -6.22 -15.19 -6.30
O6 NAG E . -8.20 -14.12 -7.88
O7 NAG E . -2.54 -19.68 -7.04
C1 EDO F . 19.14 -12.15 3.29
O1 EDO F . 18.67 -10.97 3.96
C2 EDO F . 19.18 -11.89 1.79
O2 EDO F . 19.87 -10.67 1.53
C1 EDO G . -6.53 -4.59 9.20
O1 EDO G . -7.05 -5.14 7.97
C2 EDO G . -5.06 -4.26 8.99
O2 EDO G . -4.53 -3.51 10.11
C1 EDO H . -4.32 0.75 9.25
O1 EDO H . -4.75 1.28 7.99
C2 EDO H . -4.49 -0.76 9.26
O2 EDO H . -3.74 -1.35 8.18
C1 EDO I . -11.14 -19.76 5.41
O1 EDO I . -12.07 -19.37 6.45
C2 EDO I . -11.91 -20.29 4.20
O2 EDO I . -12.81 -19.28 3.72
C1 EDO J . -14.91 -25.67 5.42
O1 EDO J . -15.23 -24.90 6.59
C2 EDO J . -15.52 -27.06 5.55
O2 EDO J . -14.95 -27.72 6.68
C1 EDO K . 13.44 0.74 0.99
O1 EDO K . 13.27 0.24 -0.35
C2 EDO K . 13.34 -0.41 1.97
O2 EDO K . 14.53 -1.21 1.97
C1 NAG L . 12.89 21.49 -5.64
C2 NAG L . 14.27 22.02 -5.23
C3 NAG L . 15.26 20.86 -5.10
C4 NAG L . 14.71 19.81 -4.14
C5 NAG L . 13.30 19.39 -4.56
C6 NAG L . 12.64 18.44 -3.58
C7 NAG L . 14.90 24.29 -5.88
C8 NAG L . 15.42 25.17 -6.97
N2 NAG L . 14.76 22.99 -6.18
O3 NAG L . 16.51 21.35 -4.63
O4 NAG L . 15.56 18.67 -4.14
O5 NAG L . 12.45 20.53 -4.67
O6 NAG L . 11.27 18.75 -3.43
O7 NAG L . 14.60 24.73 -4.77
C1 NAG M . -16.08 16.36 2.98
C2 NAG M . -16.56 17.78 3.34
C3 NAG M . -17.78 17.70 4.26
C4 NAG M . -18.85 16.81 3.66
C5 NAG M . -18.27 15.45 3.26
C6 NAG M . -19.27 14.59 2.54
C7 NAG M . -15.00 19.67 3.38
C8 NAG M . -13.93 20.37 4.17
N2 NAG M . -15.51 18.57 3.95
O3 NAG M . -18.31 19.01 4.48
O4 NAG M . -19.89 16.61 4.60
O5 NAG M . -17.15 15.63 2.39
O6 NAG M . -19.53 15.09 1.23
O7 NAG M . -15.36 20.06 2.29
C1 EDO N . -19.09 21.07 0.07
O1 EDO N . -20.17 21.69 -0.63
C2 EDO N . -19.54 20.76 1.49
O2 EDO N . -18.42 20.48 2.36
C1 EDO O . -15.77 19.64 -1.38
O1 EDO O . -15.41 19.50 -2.75
C2 EDO O . -15.90 18.25 -0.78
O2 EDO O . -15.76 18.44 0.62
C1 EDO P . -18.71 16.17 -1.91
O1 EDO P . -18.99 16.91 -0.72
C2 EDO P . -18.84 14.67 -1.62
O2 EDO P . -18.72 13.94 -2.84
#